data_4GB7
#
_entry.id   4GB7
#
_cell.length_a   60.696
_cell.length_b   61.595
_cell.length_c   111.841
_cell.angle_alpha   90.000
_cell.angle_beta   90.000
_cell.angle_gamma   90.000
#
_symmetry.space_group_name_H-M   'P 21 21 21'
#
loop_
_entity.id
_entity.type
_entity.pdbx_description
1 polymer '6-aminohexanoate-dimer hydrolase'
2 non-polymer 'NITRATE ION'
3 non-polymer 1,2-ETHANEDIOL
4 water water
#
_entity_poly.entity_id   1
_entity_poly.type   'polypeptide(L)'
_entity_poly.pdbx_seq_one_letter_code
;SNA(MSE)KLKKSPLLLLIITFIFVITGLGFTYFKHNKTTPSKNNVTKKNWLDDPYLRWSYTH(MSE)KEFTLINDVKNN
PDQIARFPSALQNLDDFAVQRRFGSATPLKELLDDNKTDAFVVVHNGQLVYERYFNGYNESEPHG(MSE)ASLAKVFTGA
IIQSLAEENRIDLEKTADTYIKELKNTPFGKATLQQL(MSE)D(MSE)QVSVEYPTHGYEHPALENQDAQLYLASNILPR
DKNYDGP(MSE)KIYD(MSE)LQEAKETAPPGSVFSYNNGSTETLAWIIRTITGKSLAENVSERIWSQIG(MSE)EENAY
YVTDETKIEQASAGLNATARD(MSE)ARFGQLLLNNGEYNGKQILPSSITEDIKNVQEGELAIGPGASISYHNQWWIPHN
EQGAFEVLGSYGQTLYIDPKAK(MSE)VIVHFSSNATPSNEIHSVYSN(MSE)YIDIAHHLEKLPQ
;
_entity_poly.pdbx_strand_id   A
#
loop_
_chem_comp.id
_chem_comp.type
_chem_comp.name
_chem_comp.formula
EDO non-polymer 1,2-ETHANEDIOL 'C2 H6 O2'
NO3 non-polymer 'NITRATE ION' 'N O3 -1'
#
# COMPACT_ATOMS: atom_id res chain seq x y z
N THR A 35 9.70 21.56 17.55
CA THR A 35 10.74 21.18 16.52
C THR A 35 10.17 21.18 15.12
N THR A 36 10.81 21.93 14.22
CA THR A 36 10.49 21.90 12.78
C THR A 36 11.34 20.88 12.06
N PRO A 37 10.72 19.79 11.56
CA PRO A 37 11.57 18.81 10.90
C PRO A 37 12.14 19.24 9.56
N SER A 38 13.35 18.77 9.28
CA SER A 38 14.10 19.08 8.09
C SER A 38 15.12 17.98 7.83
N LYS A 39 15.74 18.03 6.66
CA LYS A 39 16.80 17.10 6.31
C LYS A 39 17.92 17.07 7.37
N ASN A 40 18.24 18.24 7.95
CA ASN A 40 19.30 18.34 8.96
C ASN A 40 19.00 17.70 10.31
N ASN A 41 17.73 17.47 10.62
CA ASN A 41 17.36 16.88 11.90
C ASN A 41 16.64 15.57 11.88
N VAL A 42 16.31 15.09 10.68
CA VAL A 42 15.68 13.78 10.52
C VAL A 42 16.77 12.73 10.37
N THR A 43 16.72 11.69 11.21
CA THR A 43 17.81 10.71 11.31
C THR A 43 17.24 9.30 11.14
N LYS A 44 18.11 8.32 10.95
CA LYS A 44 17.67 6.93 10.90
C LYS A 44 17.01 6.52 12.20
N LYS A 45 17.31 7.22 13.30
CA LYS A 45 16.73 6.88 14.58
C LYS A 45 15.30 7.36 14.70
N ASN A 46 15.03 8.58 14.21
CA ASN A 46 13.82 9.29 14.49
C ASN A 46 12.81 9.53 13.36
N TRP A 47 13.12 9.07 12.13
CA TRP A 47 12.34 9.45 10.98
C TRP A 47 10.90 9.01 11.03
N LEU A 48 10.61 7.97 11.82
CA LEU A 48 9.29 7.40 11.99
CA LEU A 48 9.26 7.44 11.90
C LEU A 48 8.48 8.02 13.10
N ASP A 49 9.08 8.96 13.80
CA ASP A 49 8.45 9.54 14.99
C ASP A 49 7.92 10.91 14.64
N ASP A 50 6.84 11.31 15.31
CA ASP A 50 6.38 12.67 15.25
C ASP A 50 7.43 13.56 15.94
N PRO A 51 7.74 14.74 15.35
CA PRO A 51 7.19 15.38 14.15
C PRO A 51 7.98 15.04 12.88
N TYR A 52 9.09 14.32 13.06
CA TYR A 52 10.04 14.01 11.96
C TYR A 52 9.35 13.35 10.79
N LEU A 53 8.42 12.46 11.09
CA LEU A 53 7.70 11.70 10.06
C LEU A 53 6.93 12.62 9.08
N ARG A 54 6.43 13.76 9.54
CA ARG A 54 5.73 14.63 8.62
C ARG A 54 6.63 15.11 7.47
N TRP A 55 7.94 15.20 7.74
CA TRP A 55 8.94 15.48 6.72
C TRP A 55 9.39 14.24 6.01
N SER A 56 9.82 13.24 6.77
CA SER A 56 10.36 12.06 6.08
C SER A 56 9.38 11.45 5.06
N TYR A 57 8.10 11.31 5.45
CA TYR A 57 7.09 10.73 4.55
C TYR A 57 6.58 11.62 3.44
N THR A 58 7.12 12.84 3.36
CA THR A 58 6.92 13.73 2.22
C THR A 58 8.21 14.03 1.44
N HIS A 59 9.33 13.43 1.88
CA HIS A 59 10.65 13.66 1.25
C HIS A 59 11.52 12.43 1.27
N MSE A 60 10.95 11.27 1.03
CA MSE A 60 11.70 10.03 1.26
CA MSE A 60 11.68 10.01 1.25
C MSE A 60 12.96 9.96 0.39
O MSE A 60 14.04 9.50 0.83
CB MSE A 60 10.81 8.78 1.09
CB MSE A 60 10.78 8.77 1.00
CG MSE A 60 9.88 8.47 2.27
CG MSE A 60 9.67 8.51 2.05
SE MSE A 60 10.77 8.01 3.93
SE MSE A 60 9.04 6.64 2.21
CE MSE A 60 11.36 6.22 3.53
CE MSE A 60 10.55 6.00 3.28
N LYS A 61 12.85 10.44 -0.84
CA LYS A 61 14.00 10.38 -1.74
C LYS A 61 15.18 11.26 -1.26
N GLU A 62 14.96 12.20 -0.35
CA GLU A 62 16.08 12.97 0.23
C GLU A 62 16.79 12.29 1.40
N PHE A 63 16.30 11.11 1.78
CA PHE A 63 16.67 10.42 3.00
C PHE A 63 17.21 9.02 2.71
N THR A 64 16.92 8.49 1.52
CA THR A 64 17.11 7.08 1.22
C THR A 64 17.58 6.91 -0.23
N LEU A 65 18.00 5.70 -0.55
CA LEU A 65 18.24 5.27 -1.91
C LEU A 65 16.91 4.90 -2.59
N ILE A 66 16.80 5.25 -3.87
CA ILE A 66 15.55 5.05 -4.62
C ILE A 66 15.80 4.54 -6.04
N ASN A 67 14.80 3.85 -6.58
CA ASN A 67 14.69 3.54 -7.98
C ASN A 67 13.46 4.23 -8.51
N ASP A 68 13.66 5.03 -9.55
CA ASP A 68 12.54 5.74 -10.15
C ASP A 68 11.55 4.82 -10.85
N VAL A 69 10.26 5.18 -10.74
CA VAL A 69 9.17 4.54 -11.48
C VAL A 69 8.59 5.60 -12.42
N LYS A 70 8.98 5.52 -13.68
CA LYS A 70 8.70 6.59 -14.64
C LYS A 70 7.26 6.59 -15.14
N ASN A 71 6.70 7.79 -15.25
CA ASN A 71 5.45 7.95 -16.02
C ASN A 71 5.80 8.11 -17.51
N ASN A 72 4.80 8.47 -18.32
CA ASN A 72 4.99 8.96 -19.69
C ASN A 72 4.66 10.44 -19.76
N PRO A 73 5.69 11.29 -19.76
CA PRO A 73 5.39 12.72 -19.72
C PRO A 73 4.60 13.27 -20.90
N ASP A 74 4.62 12.55 -22.03
CA ASP A 74 3.94 12.95 -23.23
C ASP A 74 2.51 12.47 -23.29
N GLN A 75 2.10 11.66 -22.29
CA GLN A 75 0.75 11.09 -22.27
C GLN A 75 0.14 11.22 -20.88
N ILE A 76 0.17 12.42 -20.33
CA ILE A 76 -0.52 12.69 -19.07
C ILE A 76 -1.98 12.93 -19.39
N ALA A 77 -2.88 12.50 -18.52
CA ALA A 77 -4.34 12.70 -18.69
C ALA A 77 -4.80 13.48 -17.47
N ARG A 78 -5.16 14.73 -17.72
CA ARG A 78 -5.71 15.58 -16.70
C ARG A 78 -6.98 14.95 -16.13
N PHE A 79 -7.13 14.99 -14.81
CA PHE A 79 -8.34 14.50 -14.22
C PHE A 79 -9.53 15.41 -14.59
N PRO A 80 -10.58 14.88 -15.22
CA PRO A 80 -11.82 15.68 -15.29
C PRO A 80 -12.40 15.87 -13.90
N SER A 81 -13.03 16.99 -13.66
CA SER A 81 -13.52 17.31 -12.32
C SER A 81 -15.01 17.68 -12.30
N ALA A 82 -15.60 17.46 -11.15
CA ALA A 82 -16.89 17.94 -10.82
C ALA A 82 -16.83 18.25 -9.31
N LEU A 83 -16.21 19.37 -9.01
CA LEU A 83 -15.83 19.71 -7.64
C LEU A 83 -17.03 19.98 -6.76
N GLN A 84 -16.92 19.46 -5.54
CA GLN A 84 -17.82 19.81 -4.45
C GLN A 84 -16.97 20.07 -3.22
N ASN A 85 -17.24 21.18 -2.52
CA ASN A 85 -16.45 21.49 -1.37
C ASN A 85 -16.99 20.72 -0.17
N LEU A 86 -16.23 19.70 0.24
CA LEU A 86 -16.59 18.86 1.40
C LEU A 86 -15.96 19.32 2.71
N ASP A 87 -15.42 20.54 2.77
CA ASP A 87 -14.69 20.92 3.95
C ASP A 87 -15.56 20.79 5.22
N ASP A 88 -16.84 21.12 5.10
CA ASP A 88 -17.72 21.18 6.28
C ASP A 88 -18.67 19.99 6.30
N PHE A 89 -18.35 18.96 5.51
CA PHE A 89 -19.06 17.72 5.58
C PHE A 89 -18.98 17.16 7.02
N ALA A 90 -20.14 16.81 7.59
CA ALA A 90 -20.20 16.35 8.99
C ALA A 90 -19.84 14.88 9.04
N VAL A 91 -18.69 14.61 9.64
CA VAL A 91 -18.19 13.27 9.88
C VAL A 91 -18.64 12.80 11.26
N GLN A 92 -19.21 11.61 11.33
CA GLN A 92 -19.60 11.11 12.64
C GLN A 92 -18.38 10.47 13.33
N ARG A 93 -17.85 11.13 14.37
CA ARG A 93 -16.80 10.46 15.16
C ARG A 93 -17.45 9.18 15.76
N ARG A 94 -18.67 9.36 16.25
CA ARG A 94 -19.55 8.32 16.68
C ARG A 94 -20.99 8.93 16.52
N PHE A 95 -22.02 8.12 16.72
CA PHE A 95 -23.36 8.62 16.55
C PHE A 95 -23.55 9.71 17.56
N GLY A 96 -24.03 10.85 17.09
CA GLY A 96 -24.30 11.98 17.96
C GLY A 96 -23.12 12.91 18.23
N SER A 97 -22.00 12.66 17.58
CA SER A 97 -20.80 13.49 17.72
CA SER A 97 -20.81 13.52 17.71
C SER A 97 -20.17 13.72 16.35
N ALA A 98 -20.63 14.74 15.68
CA ALA A 98 -20.17 15.09 14.33
C ALA A 98 -19.02 16.06 14.43
N THR A 99 -18.17 16.04 13.43
CA THR A 99 -17.08 16.99 13.36
C THR A 99 -16.77 17.26 11.88
N PRO A 100 -16.40 18.50 11.52
CA PRO A 100 -16.26 18.80 10.09
C PRO A 100 -15.05 18.07 9.46
N LEU A 101 -15.21 17.65 8.22
CA LEU A 101 -14.22 16.80 7.57
C LEU A 101 -12.80 17.38 7.45
N LYS A 102 -12.65 18.60 6.94
CA LYS A 102 -11.29 19.13 6.72
C LYS A 102 -10.52 19.24 8.04
N GLU A 103 -11.16 19.77 9.08
CA GLU A 103 -10.50 19.86 10.37
C GLU A 103 -10.16 18.52 10.97
N LEU A 104 -11.00 17.52 10.75
CA LEU A 104 -10.77 16.16 11.27
C LEU A 104 -9.52 15.57 10.56
N LEU A 105 -9.49 15.69 9.24
CA LEU A 105 -8.32 15.25 8.50
C LEU A 105 -7.02 15.87 9.02
N ASP A 106 -7.02 17.18 9.21
CA ASP A 106 -5.83 17.91 9.64
C ASP A 106 -5.43 17.45 11.07
N ASP A 107 -6.44 17.27 11.95
CA ASP A 107 -6.23 16.93 13.35
C ASP A 107 -5.54 15.56 13.44
N ASN A 108 -5.71 14.76 12.40
CA ASN A 108 -5.10 13.44 12.36
C ASN A 108 -3.95 13.34 11.39
N LYS A 109 -3.35 14.47 11.09
CA LYS A 109 -2.07 14.54 10.38
C LYS A 109 -2.21 13.99 8.96
N THR A 110 -3.38 14.16 8.37
CA THR A 110 -3.54 13.90 6.94
C THR A 110 -2.69 14.90 6.13
N ASP A 111 -2.04 14.41 5.11
CA ASP A 111 -1.27 15.23 4.15
C ASP A 111 -2.02 15.46 2.83
N ALA A 112 -2.75 14.44 2.36
CA ALA A 112 -3.52 14.51 1.14
C ALA A 112 -4.77 13.69 1.24
N PHE A 113 -5.82 14.21 0.64
CA PHE A 113 -7.11 13.55 0.63
C PHE A 113 -7.74 13.83 -0.73
N VAL A 114 -7.98 12.77 -1.50
CA VAL A 114 -8.55 12.87 -2.83
C VAL A 114 -9.78 11.97 -2.96
N VAL A 115 -10.87 12.54 -3.47
CA VAL A 115 -12.12 11.83 -3.71
C VAL A 115 -12.49 11.94 -5.20
N VAL A 116 -12.64 10.78 -5.82
CA VAL A 116 -13.02 10.64 -7.22
C VAL A 116 -14.38 9.91 -7.24
N HIS A 117 -15.29 10.35 -8.09
CA HIS A 117 -16.68 9.83 -8.14
C HIS A 117 -17.12 9.79 -9.58
N ASN A 118 -17.49 8.61 -10.05
CA ASN A 118 -17.81 8.39 -11.45
C ASN A 118 -16.71 8.91 -12.39
N GLY A 119 -15.48 8.67 -11.99
CA GLY A 119 -14.34 8.98 -12.81
C GLY A 119 -14.04 10.46 -12.94
N GLN A 120 -14.57 11.25 -12.02
CA GLN A 120 -14.25 12.68 -12.01
C GLN A 120 -13.80 13.08 -10.61
N LEU A 121 -12.77 13.93 -10.54
CA LEU A 121 -12.32 14.46 -9.27
C LEU A 121 -13.38 15.36 -8.63
N VAL A 122 -13.70 15.07 -7.35
CA VAL A 122 -14.69 15.85 -6.62
C VAL A 122 -14.10 16.71 -5.56
N TYR A 123 -13.00 16.27 -4.93
CA TYR A 123 -12.49 16.99 -3.77
C TYR A 123 -11.08 16.56 -3.53
N GLU A 124 -10.19 17.51 -3.39
CA GLU A 124 -8.82 17.26 -3.00
C GLU A 124 -8.34 18.33 -2.07
N ARG A 125 -7.63 17.87 -1.03
CA ARG A 125 -7.04 18.77 -0.08
C ARG A 125 -5.67 18.27 0.29
N TYR A 126 -4.74 19.22 0.44
CA TYR A 126 -3.32 18.99 0.79
C TYR A 126 -3.02 19.81 2.03
N PHE A 127 -2.29 19.23 2.97
CA PHE A 127 -2.19 19.82 4.31
C PHE A 127 -0.71 20.01 4.69
N ASN A 128 -0.46 20.84 5.69
CA ASN A 128 0.84 20.93 6.32
C ASN A 128 1.96 21.32 5.36
N GLY A 129 1.62 22.04 4.29
CA GLY A 129 2.61 22.48 3.37
C GLY A 129 3.01 21.42 2.39
N TYR A 130 2.34 20.28 2.44
CA TYR A 130 2.70 19.19 1.52
C TYR A 130 2.32 19.57 0.05
N ASN A 131 3.28 19.36 -0.85
CA ASN A 131 3.16 19.70 -2.27
C ASN A 131 2.48 18.55 -2.99
N GLU A 132 1.32 18.85 -3.58
CA GLU A 132 0.51 17.86 -4.28
CA GLU A 132 0.50 17.85 -4.27
C GLU A 132 1.24 17.08 -5.35
N SER A 133 2.31 17.67 -5.87
CA SER A 133 3.02 17.04 -7.01
CA SER A 133 3.05 17.07 -7.01
C SER A 133 4.27 16.25 -6.60
N GLU A 134 4.55 16.19 -5.30
CA GLU A 134 5.73 15.47 -4.78
C GLU A 134 5.30 14.13 -4.24
N PRO A 135 6.01 13.07 -4.61
CA PRO A 135 5.56 11.78 -4.08
C PRO A 135 5.56 11.69 -2.54
N HIS A 136 4.61 10.94 -2.00
CA HIS A 136 4.43 10.71 -0.57
C HIS A 136 4.70 9.29 -0.25
N GLY A 137 5.21 9.00 0.94
CA GLY A 137 5.29 7.62 1.42
C GLY A 137 3.91 6.99 1.51
N MSE A 138 3.82 5.71 1.19
CA MSE A 138 2.54 5.02 1.22
C MSE A 138 2.54 3.70 2.01
O MSE A 138 1.53 3.00 2.04
CB MSE A 138 2.08 4.74 -0.22
CG MSE A 138 2.00 5.96 -1.06
SE MSE A 138 1.07 5.69 -2.72
CE MSE A 138 1.97 4.22 -3.46
N ALA A 139 3.66 3.36 2.64
CA ALA A 139 3.77 2.18 3.47
C ALA A 139 3.23 0.99 2.66
N SER A 140 2.29 0.22 3.19
CA SER A 140 1.87 -1.04 2.55
C SER A 140 0.93 -0.88 1.34
N LEU A 141 0.57 0.35 0.96
CA LEU A 141 -0.16 0.55 -0.30
C LEU A 141 0.61 -0.05 -1.48
N ALA A 142 1.96 -0.07 -1.40
CA ALA A 142 2.77 -0.73 -2.41
C ALA A 142 2.38 -2.12 -2.74
N LYS A 143 1.81 -2.84 -1.78
CA LYS A 143 1.68 -4.30 -2.00
C LYS A 143 0.81 -4.67 -3.20
N VAL A 144 -0.19 -3.84 -3.47
CA VAL A 144 -1.15 -4.11 -4.54
C VAL A 144 -0.49 -4.05 -5.94
N PHE A 145 0.60 -3.33 -6.06
CA PHE A 145 1.37 -3.27 -7.32
C PHE A 145 2.09 -4.56 -7.57
N THR A 146 2.76 -5.09 -6.55
CA THR A 146 3.33 -6.43 -6.66
C THR A 146 2.27 -7.47 -6.95
N GLY A 147 1.16 -7.42 -6.27
CA GLY A 147 0.05 -8.35 -6.50
C GLY A 147 -0.48 -8.30 -7.95
N ALA A 148 -0.66 -7.09 -8.45
CA ALA A 148 -1.17 -6.89 -9.81
C ALA A 148 -0.26 -7.49 -10.86
N ILE A 149 1.06 -7.31 -10.68
CA ILE A 149 2.06 -7.82 -11.63
C ILE A 149 2.14 -9.33 -11.53
N ILE A 150 2.08 -9.87 -10.30
CA ILE A 150 2.01 -11.33 -10.17
C ILE A 150 0.83 -11.94 -10.93
N GLN A 151 -0.32 -11.31 -10.79
CA GLN A 151 -1.54 -11.78 -11.49
C GLN A 151 -1.37 -11.72 -13.01
N SER A 152 -0.76 -10.62 -13.48
CA SER A 152 -0.48 -10.43 -14.92
C SER A 152 0.44 -11.55 -15.40
N LEU A 153 1.54 -11.79 -14.70
CA LEU A 153 2.48 -12.82 -15.12
C LEU A 153 1.87 -14.21 -15.12
N ALA A 154 1.00 -14.46 -14.15
CA ALA A 154 0.33 -15.77 -14.03
C ALA A 154 -0.60 -16.00 -15.24
N GLU A 155 -1.37 -14.96 -15.55
CA GLU A 155 -2.23 -14.99 -16.74
C GLU A 155 -1.49 -15.01 -18.13
N GLU A 156 -0.24 -14.57 -18.15
CA GLU A 156 0.63 -14.62 -19.34
C GLU A 156 1.30 -15.99 -19.42
N ASN A 157 1.00 -16.87 -18.47
CA ASN A 157 1.60 -18.22 -18.31
C ASN A 157 3.12 -18.26 -18.08
N ARG A 158 3.61 -17.23 -17.40
CA ARG A 158 5.03 -17.12 -17.08
C ARG A 158 5.38 -17.70 -15.71
N ILE A 159 4.35 -17.74 -14.86
CA ILE A 159 4.40 -18.34 -13.53
C ILE A 159 3.05 -19.03 -13.27
N ASP A 160 3.06 -19.93 -12.30
CA ASP A 160 1.90 -20.68 -11.88
C ASP A 160 1.72 -20.40 -10.39
N LEU A 161 0.57 -19.83 -10.05
CA LEU A 161 0.29 -19.41 -8.70
C LEU A 161 0.21 -20.58 -7.70
N GLU A 162 0.08 -21.80 -8.21
CA GLU A 162 0.00 -22.98 -7.35
C GLU A 162 1.35 -23.66 -7.17
N LYS A 163 2.39 -23.16 -7.85
CA LYS A 163 3.75 -23.60 -7.61
C LYS A 163 4.36 -22.86 -6.41
N THR A 164 5.40 -23.45 -5.84
CA THR A 164 6.10 -22.89 -4.71
C THR A 164 7.03 -21.78 -5.16
N ALA A 165 7.25 -20.82 -4.27
CA ALA A 165 8.19 -19.75 -4.55
C ALA A 165 9.59 -20.26 -4.89
N ASP A 166 10.03 -21.36 -4.26
CA ASP A 166 11.37 -21.87 -4.49
C ASP A 166 11.48 -22.62 -5.81
N THR A 167 10.36 -22.72 -6.53
CA THR A 167 10.39 -23.16 -7.93
C THR A 167 11.10 -22.08 -8.78
N TYR A 168 10.90 -20.82 -8.38
CA TYR A 168 11.40 -19.71 -9.13
C TYR A 168 12.63 -19.09 -8.50
N ILE A 169 12.71 -19.14 -7.16
CA ILE A 169 13.85 -18.57 -6.43
C ILE A 169 14.63 -19.72 -5.77
N LYS A 170 15.64 -20.25 -6.46
CA LYS A 170 16.32 -21.42 -5.93
C LYS A 170 17.05 -21.11 -4.62
N GLU A 171 17.45 -19.85 -4.43
CA GLU A 171 18.02 -19.39 -3.15
C GLU A 171 17.13 -19.61 -1.93
N LEU A 172 15.82 -19.72 -2.16
CA LEU A 172 14.85 -19.93 -1.09
C LEU A 172 14.45 -21.40 -0.88
N LYS A 173 15.09 -22.31 -1.61
CA LYS A 173 14.71 -23.70 -1.55
C LYS A 173 14.65 -24.24 -0.10
N ASN A 174 13.48 -24.80 0.21
CA ASN A 174 13.21 -25.47 1.49
C ASN A 174 13.17 -24.51 2.68
N THR A 175 13.10 -23.20 2.42
CA THR A 175 12.91 -22.19 3.50
C THR A 175 11.44 -21.85 3.62
N PRO A 176 11.03 -21.15 4.70
CA PRO A 176 9.61 -20.93 4.87
C PRO A 176 8.90 -20.17 3.72
N PHE A 177 9.49 -19.07 3.27
CA PHE A 177 8.91 -18.36 2.10
C PHE A 177 9.06 -19.16 0.82
N GLY A 178 10.10 -19.97 0.73
CA GLY A 178 10.28 -20.85 -0.41
C GLY A 178 9.24 -21.94 -0.62
N LYS A 179 8.80 -22.49 0.50
CA LYS A 179 7.87 -23.60 0.54
C LYS A 179 6.46 -23.17 0.30
N ALA A 180 6.16 -21.89 0.49
CA ALA A 180 4.83 -21.38 0.24
C ALA A 180 4.55 -21.31 -1.24
N THR A 181 3.31 -21.56 -1.61
CA THR A 181 2.88 -21.33 -2.99
C THR A 181 2.74 -19.84 -3.22
N LEU A 182 2.76 -19.44 -4.49
CA LEU A 182 2.58 -18.04 -4.81
C LEU A 182 1.22 -17.55 -4.31
N GLN A 183 0.18 -18.35 -4.48
CA GLN A 183 -1.15 -18.02 -4.00
C GLN A 183 -1.17 -17.80 -2.49
N GLN A 184 -0.51 -18.67 -1.73
CA GLN A 184 -0.37 -18.48 -0.26
C GLN A 184 0.28 -17.17 0.10
N LEU A 185 1.31 -16.80 -0.65
CA LEU A 185 1.98 -15.50 -0.47
C LEU A 185 1.02 -14.34 -0.78
N MSE A 186 0.39 -14.43 -1.94
CA MSE A 186 -0.64 -13.45 -2.37
C MSE A 186 -1.73 -13.22 -1.30
O MSE A 186 -2.20 -12.07 -1.08
CB MSE A 186 -1.28 -13.89 -3.69
CG MSE A 186 -0.41 -13.75 -4.92
SE MSE A 186 -0.28 -11.88 -5.41
CE MSE A 186 -1.78 -11.90 -6.58
N ASP A 187 -2.11 -14.30 -0.61
CA ASP A 187 -3.17 -14.24 0.39
C ASP A 187 -2.68 -14.03 1.84
N MSE A 188 -1.38 -13.80 2.03
CA MSE A 188 -0.83 -13.56 3.34
C MSE A 188 -1.14 -14.76 4.28
O MSE A 188 -1.56 -14.61 5.39
CB MSE A 188 -1.35 -12.23 3.91
CG MSE A 188 -0.68 -11.08 3.26
SE MSE A 188 1.18 -10.91 3.41
CE MSE A 188 1.29 -9.03 2.96
N GLN A 189 -0.90 -15.96 3.79
CA GLN A 189 -1.10 -17.15 4.57
C GLN A 189 0.23 -17.89 4.92
N VAL A 190 1.30 -17.12 4.98
CA VAL A 190 2.63 -17.62 5.34
C VAL A 190 3.02 -17.04 6.70
N SER A 191 3.20 -17.96 7.65
CA SER A 191 3.37 -17.59 9.07
C SER A 191 4.85 -17.67 9.40
N VAL A 192 5.45 -16.52 9.64
CA VAL A 192 6.86 -16.40 9.78
C VAL A 192 7.22 -15.37 10.85
N GLU A 193 8.28 -15.68 11.59
CA GLU A 193 8.88 -14.74 12.55
CA GLU A 193 8.87 -14.67 12.44
C GLU A 193 10.36 -14.55 12.17
N TYR A 194 10.90 -13.40 12.54
CA TYR A 194 12.28 -13.08 12.32
C TYR A 194 12.89 -12.77 13.68
N PRO A 195 14.22 -12.90 13.76
CA PRO A 195 14.89 -12.36 14.93
C PRO A 195 14.67 -10.87 15.05
N THR A 196 14.81 -10.34 16.27
CA THR A 196 14.82 -8.89 16.45
C THR A 196 16.20 -8.27 16.26
N HIS A 197 17.28 -9.04 16.43
CA HIS A 197 18.65 -8.47 16.43
C HIS A 197 18.80 -7.33 17.41
N GLY A 198 18.04 -7.42 18.49
CA GLY A 198 18.11 -6.46 19.55
C GLY A 198 17.42 -5.15 19.32
N TYR A 199 16.72 -5.04 18.22
CA TYR A 199 16.07 -3.77 17.91
C TYR A 199 14.62 -3.82 18.31
N GLU A 200 14.12 -2.78 18.96
CA GLU A 200 12.69 -2.64 19.10
C GLU A 200 12.31 -1.19 19.19
N HIS A 201 11.14 -0.86 18.66
CA HIS A 201 10.58 0.46 18.69
C HIS A 201 9.14 0.28 19.09
N PRO A 202 8.60 1.17 19.95
CA PRO A 202 7.26 0.89 20.50
C PRO A 202 6.12 0.92 19.51
N ALA A 203 6.33 1.58 18.39
CA ALA A 203 5.28 1.74 17.39
C ALA A 203 5.63 0.97 16.11
N LEU A 204 6.46 -0.07 16.21
CA LEU A 204 6.83 -0.82 15.03
C LEU A 204 6.84 -2.32 15.29
N GLU A 205 6.02 -3.03 14.52
CA GLU A 205 6.06 -4.49 14.47
CA GLU A 205 6.07 -4.49 14.50
C GLU A 205 7.44 -4.94 14.00
N ASN A 206 7.90 -6.09 14.48
CA ASN A 206 9.21 -6.59 14.08
C ASN A 206 9.32 -6.83 12.56
N GLN A 207 8.23 -7.21 11.92
CA GLN A 207 8.28 -7.46 10.48
CA GLN A 207 8.29 -7.47 10.47
C GLN A 207 8.57 -6.18 9.70
N ASP A 208 8.17 -5.03 10.26
CA ASP A 208 8.53 -3.76 9.68
C ASP A 208 9.99 -3.34 10.05
N ALA A 209 10.34 -3.43 11.35
CA ALA A 209 11.68 -3.11 11.86
C ALA A 209 12.71 -3.86 11.02
N GLN A 210 12.49 -5.15 10.80
CA GLN A 210 13.47 -5.97 10.07
C GLN A 210 13.64 -5.54 8.62
N LEU A 211 12.54 -5.15 7.98
CA LEU A 211 12.63 -4.69 6.59
C LEU A 211 13.41 -3.41 6.53
N TYR A 212 13.14 -2.51 7.48
CA TYR A 212 13.88 -1.27 7.51
C TYR A 212 15.39 -1.45 7.90
N LEU A 213 15.70 -2.34 8.86
CA LEU A 213 17.08 -2.65 9.18
C LEU A 213 17.78 -3.28 7.96
N ALA A 214 17.09 -4.21 7.30
CA ALA A 214 17.60 -4.81 6.04
C ALA A 214 17.93 -3.79 4.95
N SER A 215 17.15 -2.70 4.93
CA SER A 215 17.28 -1.65 3.95
C SER A 215 18.20 -0.53 4.41
N ASN A 216 18.78 -0.69 5.62
CA ASN A 216 19.71 0.29 6.16
C ASN A 216 19.07 1.64 6.47
N ILE A 217 17.79 1.66 6.83
CA ILE A 217 17.11 2.93 7.12
C ILE A 217 16.64 3.01 8.57
N LEU A 218 17.00 2.00 9.37
CA LEU A 218 17.03 2.13 10.84
C LEU A 218 18.48 1.90 11.29
N PRO A 219 18.82 2.33 12.51
CA PRO A 219 20.22 2.30 12.91
C PRO A 219 20.71 0.88 13.17
N ARG A 220 21.88 0.54 12.62
CA ARG A 220 22.47 -0.77 12.89
C ARG A 220 23.53 -0.54 13.95
N ASP A 221 23.33 -1.09 15.13
CA ASP A 221 24.21 -0.79 16.25
C ASP A 221 25.56 -1.48 16.11
N LYS A 222 26.43 -1.27 17.10
CA LYS A 222 27.79 -1.82 17.05
C LYS A 222 27.81 -3.34 16.93
N ASN A 223 26.80 -4.01 17.49
CA ASN A 223 26.80 -5.46 17.48
C ASN A 223 25.90 -6.06 16.44
N TYR A 224 25.43 -5.23 15.50
CA TYR A 224 24.40 -5.67 14.54
C TYR A 224 24.86 -6.90 13.77
N ASP A 225 24.03 -7.92 13.84
CA ASP A 225 24.23 -9.18 13.15
C ASP A 225 22.99 -9.56 12.35
N GLY A 226 22.23 -8.56 11.94
CA GLY A 226 21.00 -8.78 11.24
C GLY A 226 21.15 -8.70 9.73
N PRO A 227 20.00 -8.65 9.04
CA PRO A 227 20.05 -8.64 7.57
C PRO A 227 20.73 -7.40 6.99
N MSE A 228 21.51 -7.58 5.91
CA MSE A 228 22.23 -6.48 5.26
C MSE A 228 21.55 -5.99 3.98
O MSE A 228 21.87 -4.93 3.48
CB MSE A 228 23.69 -6.88 4.98
CG MSE A 228 24.54 -7.26 6.23
SE MSE A 228 24.71 -5.74 7.46
CE MSE A 228 26.02 -4.70 6.42
N LYS A 229 20.61 -6.80 3.48
CA LYS A 229 19.80 -6.48 2.33
C LYS A 229 18.50 -7.22 2.51
N ILE A 230 17.46 -6.83 1.76
CA ILE A 230 16.12 -7.41 1.93
C ILE A 230 16.10 -8.94 1.83
N TYR A 231 16.81 -9.50 0.86
CA TYR A 231 16.76 -10.93 0.72
C TYR A 231 17.35 -11.69 1.90
N ASP A 232 18.30 -11.08 2.60
CA ASP A 232 18.84 -11.65 3.85
C ASP A 232 17.74 -11.88 4.89
N MSE A 233 16.84 -10.93 4.98
CA MSE A 233 15.70 -11.04 5.89
C MSE A 233 14.85 -12.26 5.57
O MSE A 233 14.42 -12.96 6.44
CB MSE A 233 14.86 -9.74 5.87
CG MSE A 233 13.63 -9.78 6.78
SE MSE A 233 12.38 -8.36 6.48
CE MSE A 233 11.64 -9.07 4.82
N LEU A 234 14.61 -12.48 4.27
CA LEU A 234 13.80 -13.61 3.86
C LEU A 234 14.47 -14.91 4.25
N GLN A 235 15.80 -14.93 4.24
CA GLN A 235 16.57 -16.13 4.56
C GLN A 235 16.57 -16.41 6.07
N GLU A 236 16.30 -15.38 6.86
CA GLU A 236 16.19 -15.51 8.32
C GLU A 236 14.81 -15.99 8.82
N ALA A 237 13.83 -16.12 7.91
CA ALA A 237 12.46 -16.47 8.26
C ALA A 237 12.40 -17.80 8.97
N LYS A 238 11.64 -17.82 10.06
CA LYS A 238 11.37 -19.04 10.80
CA LYS A 238 11.36 -19.04 10.81
C LYS A 238 9.86 -19.31 10.76
N GLU A 239 9.48 -20.48 10.28
CA GLU A 239 8.06 -20.83 10.13
C GLU A 239 7.38 -21.06 11.50
N THR A 240 6.21 -20.47 11.69
CA THR A 240 5.49 -20.60 12.93
C THR A 240 4.15 -21.29 12.75
N ALA A 241 3.70 -21.46 11.52
CA ALA A 241 2.54 -22.30 11.21
C ALA A 241 2.62 -22.72 9.76
N PRO A 242 1.90 -23.78 9.41
CA PRO A 242 2.06 -24.25 8.04
C PRO A 242 1.52 -23.25 7.02
N PRO A 243 2.17 -23.16 5.87
CA PRO A 243 1.66 -22.23 4.88
C PRO A 243 0.25 -22.61 4.39
N GLY A 244 -0.61 -21.61 4.28
CA GLY A 244 -1.98 -21.84 3.91
C GLY A 244 -2.91 -22.02 5.08
N SER A 245 -2.38 -22.19 6.30
CA SER A 245 -3.19 -22.62 7.43
C SER A 245 -3.98 -21.51 8.11
N VAL A 246 -3.45 -20.29 8.05
CA VAL A 246 -4.08 -19.13 8.69
C VAL A 246 -3.53 -17.85 8.04
N PHE A 247 -4.29 -16.77 8.15
CA PHE A 247 -3.82 -15.46 7.76
C PHE A 247 -2.76 -14.97 8.73
N SER A 248 -1.64 -14.47 8.19
CA SER A 248 -0.58 -13.83 8.97
C SER A 248 0.03 -12.77 8.10
N TYR A 249 -0.29 -11.51 8.38
CA TYR A 249 0.22 -10.41 7.57
C TYR A 249 1.73 -10.31 7.69
N ASN A 250 2.44 -10.34 6.55
CA ASN A 250 3.89 -10.25 6.59
C ASN A 250 4.45 -9.59 5.32
N ASN A 251 5.22 -8.52 5.52
CA ASN A 251 5.95 -7.85 4.43
C ASN A 251 6.76 -8.82 3.59
N GLY A 252 7.36 -9.80 4.25
CA GLY A 252 8.18 -10.78 3.57
C GLY A 252 7.50 -11.53 2.47
N SER A 253 6.19 -11.74 2.60
CA SER A 253 5.46 -12.44 1.56
C SER A 253 5.48 -11.63 0.25
N THR A 254 5.17 -10.33 0.36
CA THR A 254 5.24 -9.46 -0.81
C THR A 254 6.67 -9.35 -1.36
N GLU A 255 7.66 -9.30 -0.47
CA GLU A 255 9.07 -9.20 -0.90
C GLU A 255 9.46 -10.42 -1.69
N THR A 256 8.94 -11.59 -1.27
CA THR A 256 9.22 -12.83 -2.02
C THR A 256 8.61 -12.78 -3.42
N LEU A 257 7.36 -12.43 -3.49
CA LEU A 257 6.67 -12.21 -4.76
C LEU A 257 7.43 -11.25 -5.68
N ALA A 258 7.91 -10.15 -5.14
CA ALA A 258 8.71 -9.20 -5.94
C ALA A 258 10.01 -9.82 -6.45
N TRP A 259 10.66 -10.67 -5.64
CA TRP A 259 11.84 -11.38 -6.07
C TRP A 259 11.54 -12.27 -7.24
N ILE A 260 10.38 -12.90 -7.22
CA ILE A 260 9.92 -13.69 -8.36
C ILE A 260 9.73 -12.81 -9.61
N ILE A 261 9.08 -11.67 -9.45
CA ILE A 261 8.93 -10.74 -10.58
C ILE A 261 10.29 -10.44 -11.22
N ARG A 262 11.26 -10.07 -10.40
CA ARG A 262 12.57 -9.66 -10.90
C ARG A 262 13.26 -10.81 -11.60
N THR A 263 13.21 -11.98 -10.99
CA THR A 263 13.84 -13.14 -11.57
C THR A 263 13.23 -13.56 -12.89
N ILE A 264 11.90 -13.67 -12.91
CA ILE A 264 11.17 -14.02 -14.18
C ILE A 264 11.41 -13.01 -15.32
N THR A 265 11.31 -11.72 -15.03
CA THR A 265 11.32 -10.71 -16.06
C THR A 265 12.69 -10.18 -16.39
N GLY A 266 13.65 -10.39 -15.50
CA GLY A 266 14.97 -9.85 -15.70
C GLY A 266 15.04 -8.33 -15.59
N LYS A 267 14.03 -7.73 -14.97
CA LYS A 267 13.92 -6.25 -14.83
C LYS A 267 13.65 -5.94 -13.37
N SER A 268 13.94 -4.70 -12.95
CA SER A 268 13.70 -4.31 -11.57
C SER A 268 12.20 -4.24 -11.28
N LEU A 269 11.82 -4.15 -10.02
CA LEU A 269 10.40 -4.01 -9.72
C LEU A 269 9.97 -2.62 -10.24
N ALA A 270 10.82 -1.61 -10.08
CA ALA A 270 10.49 -0.26 -10.50
C ALA A 270 10.24 -0.22 -12.00
N GLU A 271 11.06 -0.94 -12.77
CA GLU A 271 10.89 -0.97 -14.23
C GLU A 271 9.61 -1.69 -14.64
N ASN A 272 9.31 -2.80 -13.94
CA ASN A 272 8.06 -3.51 -14.14
C ASN A 272 6.87 -2.62 -13.85
N VAL A 273 6.87 -1.92 -12.72
CA VAL A 273 5.73 -1.10 -12.39
C VAL A 273 5.59 0.03 -13.40
N SER A 274 6.70 0.61 -13.82
CA SER A 274 6.68 1.68 -14.84
C SER A 274 6.15 1.19 -16.18
N GLU A 275 6.70 0.10 -16.68
CA GLU A 275 6.32 -0.38 -18.00
C GLU A 275 4.85 -0.87 -18.05
N ARG A 276 4.44 -1.54 -16.98
CA ARG A 276 3.14 -2.18 -16.96
C ARG A 276 2.00 -1.26 -16.53
N ILE A 277 2.29 -0.28 -15.69
CA ILE A 277 1.24 0.49 -15.06
C ILE A 277 1.51 2.00 -15.15
N TRP A 278 2.66 2.42 -14.65
CA TRP A 278 2.88 3.88 -14.37
C TRP A 278 2.99 4.72 -15.64
N SER A 279 3.37 4.09 -16.74
CA SER A 279 3.51 4.74 -18.02
C SER A 279 2.23 4.60 -18.86
N GLN A 280 1.22 3.86 -18.37
CA GLN A 280 0.08 3.42 -19.18
C GLN A 280 -1.23 4.05 -18.86
N ILE A 281 -1.35 4.83 -17.76
CA ILE A 281 -2.68 5.34 -17.37
C ILE A 281 -2.73 6.85 -17.09
N GLY A 282 -1.86 7.58 -17.80
CA GLY A 282 -1.93 9.06 -17.80
C GLY A 282 -1.42 9.71 -16.52
N MSE A 283 -0.57 9.01 -15.79
CA MSE A 283 0.02 9.54 -14.53
C MSE A 283 0.74 10.87 -14.76
O MSE A 283 1.43 11.04 -15.77
CB MSE A 283 1.07 8.59 -13.99
CG MSE A 283 0.56 7.16 -13.69
SE MSE A 283 -0.88 7.21 -12.35
CE MSE A 283 -0.55 5.42 -11.71
N GLU A 284 0.56 11.79 -13.83
CA GLU A 284 1.14 13.10 -13.91
C GLU A 284 2.63 13.17 -13.58
N GLU A 285 3.09 12.32 -12.64
CA GLU A 285 4.44 12.36 -12.12
C GLU A 285 5.02 10.98 -12.02
N ASN A 286 6.35 10.96 -11.95
CA ASN A 286 7.06 9.75 -11.58
C ASN A 286 6.66 9.29 -10.18
N ALA A 287 6.80 8.02 -9.94
CA ALA A 287 6.83 7.50 -8.59
C ALA A 287 8.26 7.01 -8.34
N TYR A 288 8.51 6.49 -7.16
CA TYR A 288 9.79 5.86 -6.85
C TYR A 288 9.66 4.88 -5.70
N TYR A 289 10.52 3.86 -5.72
CA TYR A 289 10.65 2.94 -4.62
C TYR A 289 11.89 3.21 -3.80
N VAL A 290 11.72 3.25 -2.47
CA VAL A 290 12.84 3.14 -1.57
C VAL A 290 13.46 1.75 -1.77
N THR A 291 14.78 1.69 -1.70
CA THR A 291 15.49 0.42 -1.87
C THR A 291 16.44 0.10 -0.71
N ASP A 292 16.92 -1.14 -0.67
CA ASP A 292 18.08 -1.49 0.14
C ASP A 292 19.38 -1.03 -0.57
N GLU A 293 20.52 -1.30 0.07
CA GLU A 293 21.79 -0.80 -0.42
C GLU A 293 22.18 -1.48 -1.73
N THR A 294 21.54 -2.60 -2.04
CA THR A 294 21.74 -3.28 -3.31
C THR A 294 20.78 -2.87 -4.42
N LYS A 295 20.02 -1.79 -4.17
CA LYS A 295 19.04 -1.26 -5.13
C LYS A 295 17.86 -2.21 -5.39
N ILE A 296 17.64 -3.12 -4.45
CA ILE A 296 16.41 -3.92 -4.44
C ILE A 296 15.32 -3.15 -3.73
N GLU A 297 14.17 -3.02 -4.39
CA GLU A 297 13.09 -2.21 -3.87
C GLU A 297 12.41 -2.89 -2.66
N GLN A 298 11.98 -2.09 -1.68
CA GLN A 298 11.01 -2.53 -0.68
C GLN A 298 9.66 -2.65 -1.37
N ALA A 299 9.38 -3.82 -1.93
CA ALA A 299 8.12 -4.07 -2.58
C ALA A 299 6.92 -3.93 -1.65
N SER A 300 7.16 -4.16 -0.35
CA SER A 300 6.08 -4.28 0.64
C SER A 300 5.75 -2.95 1.22
N ALA A 301 6.62 -1.96 1.06
CA ALA A 301 6.43 -0.72 1.86
C ALA A 301 7.06 0.55 1.31
N GLY A 302 7.75 0.46 0.17
CA GLY A 302 8.62 1.56 -0.27
C GLY A 302 8.21 2.45 -1.44
N LEU A 303 7.01 2.27 -1.96
CA LEU A 303 6.54 3.05 -3.10
C LEU A 303 6.05 4.39 -2.63
N ASN A 304 6.47 5.43 -3.30
CA ASN A 304 6.17 6.85 -3.06
C ASN A 304 5.53 7.39 -4.34
N ALA A 305 4.34 7.99 -4.22
CA ALA A 305 3.57 8.44 -5.39
C ALA A 305 2.75 9.66 -5.03
N THR A 306 2.24 10.38 -6.02
CA THR A 306 1.32 11.48 -5.70
C THR A 306 -0.12 10.96 -5.54
N ALA A 307 -0.94 11.75 -4.84
CA ALA A 307 -2.29 11.34 -4.49
C ALA A 307 -3.20 11.18 -5.70
N ARG A 308 -3.14 12.15 -6.63
CA ARG A 308 -3.92 12.03 -7.84
C ARG A 308 -3.46 10.84 -8.67
N ASP A 309 -2.17 10.55 -8.67
CA ASP A 309 -1.70 9.41 -9.43
C ASP A 309 -2.22 8.11 -8.83
N MSE A 310 -2.21 8.01 -7.52
CA MSE A 310 -2.82 6.85 -6.86
CA MSE A 310 -2.78 6.85 -6.86
C MSE A 310 -4.30 6.76 -7.15
O MSE A 310 -4.81 5.68 -7.32
CB MSE A 310 -2.62 6.87 -5.36
CB MSE A 310 -2.45 6.88 -5.37
CG MSE A 310 -1.25 6.55 -4.96
CG MSE A 310 -2.68 5.61 -4.61
SE MSE A 310 -0.69 4.76 -5.55
SE MSE A 310 -1.81 4.10 -5.34
CE MSE A 310 -2.38 3.83 -5.51
CE MSE A 310 -0.09 4.92 -5.66
N ALA A 311 -4.98 7.90 -7.27
CA ALA A 311 -6.39 7.90 -7.65
C ALA A 311 -6.62 7.36 -9.05
N ARG A 312 -5.71 7.67 -9.98
CA ARG A 312 -5.79 7.13 -11.32
C ARG A 312 -5.70 5.62 -11.27
N PHE A 313 -4.80 5.10 -10.46
CA PHE A 313 -4.68 3.64 -10.32
C PHE A 313 -5.98 3.03 -9.69
N GLY A 314 -6.53 3.74 -8.72
CA GLY A 314 -7.80 3.36 -8.13
C GLY A 314 -8.92 3.25 -9.16
N GLN A 315 -8.99 4.26 -10.01
CA GLN A 315 -10.01 4.33 -11.07
C GLN A 315 -9.77 3.15 -12.03
N LEU A 316 -8.52 2.81 -12.31
CA LEU A 316 -8.22 1.66 -13.16
C LEU A 316 -8.84 0.40 -12.59
N LEU A 317 -8.74 0.22 -11.28
CA LEU A 317 -9.26 -0.95 -10.62
CA LEU A 317 -9.26 -0.95 -10.63
C LEU A 317 -10.78 -0.89 -10.53
N LEU A 318 -11.30 0.31 -10.30
CA LEU A 318 -12.73 0.49 -10.35
C LEU A 318 -13.29 0.04 -11.70
N ASN A 319 -12.49 0.25 -12.75
CA ASN A 319 -12.85 -0.14 -14.11
C ASN A 319 -12.28 -1.47 -14.50
N ASN A 320 -12.01 -2.30 -13.50
CA ASN A 320 -11.62 -3.69 -13.77
C ASN A 320 -10.41 -3.85 -14.68
N GLY A 321 -9.46 -2.92 -14.54
CA GLY A 321 -8.17 -2.96 -15.22
C GLY A 321 -8.16 -2.41 -16.63
N GLU A 322 -9.28 -1.81 -17.07
CA GLU A 322 -9.41 -1.24 -18.38
C GLU A 322 -9.13 0.27 -18.36
N TYR A 323 -8.34 0.72 -19.34
CA TYR A 323 -8.01 2.18 -19.57
C TYR A 323 -8.11 2.48 -21.06
N ASN A 324 -9.01 3.41 -21.41
CA ASN A 324 -9.25 3.75 -22.82
C ASN A 324 -9.29 2.52 -23.71
N GLY A 325 -10.13 1.57 -23.29
CA GLY A 325 -10.38 0.38 -24.09
C GLY A 325 -9.34 -0.70 -24.10
N LYS A 326 -8.24 -0.48 -23.37
CA LYS A 326 -7.16 -1.48 -23.26
CA LYS A 326 -7.14 -1.46 -23.27
C LYS A 326 -7.15 -2.13 -21.88
N GLN A 327 -6.95 -3.44 -21.87
CA GLN A 327 -6.80 -4.19 -20.66
C GLN A 327 -5.36 -4.06 -20.11
N ILE A 328 -5.16 -3.05 -19.30
CA ILE A 328 -3.88 -2.76 -18.68
C ILE A 328 -3.50 -3.83 -17.67
N LEU A 329 -4.48 -4.22 -16.85
CA LEU A 329 -4.31 -5.24 -15.85
C LEU A 329 -5.46 -6.24 -15.96
N PRO A 330 -5.23 -7.49 -15.52
CA PRO A 330 -6.27 -8.48 -15.60
C PRO A 330 -7.57 -8.05 -14.92
N SER A 331 -8.68 -8.29 -15.63
CA SER A 331 -9.99 -8.03 -15.05
C SER A 331 -10.24 -8.97 -13.83
N SER A 332 -9.55 -10.09 -13.77
CA SER A 332 -9.70 -11.01 -12.64
C SER A 332 -9.37 -10.39 -11.27
N ILE A 333 -8.51 -9.34 -11.23
CA ILE A 333 -8.06 -8.80 -9.97
C ILE A 333 -9.26 -8.35 -9.19
N THR A 334 -10.05 -7.48 -9.80
CA THR A 334 -11.21 -6.95 -9.11
C THR A 334 -12.35 -7.99 -9.03
N GLU A 335 -12.52 -8.81 -10.08
CA GLU A 335 -13.57 -9.82 -10.11
CA GLU A 335 -13.61 -9.76 -10.07
C GLU A 335 -13.40 -10.75 -8.91
N ASP A 336 -12.18 -11.24 -8.73
CA ASP A 336 -11.91 -12.22 -7.68
C ASP A 336 -12.09 -11.61 -6.28
N ILE A 337 -11.69 -10.35 -6.13
CA ILE A 337 -11.88 -9.67 -4.89
C ILE A 337 -13.34 -9.52 -4.55
N LYS A 338 -14.13 -9.07 -5.54
CA LYS A 338 -15.55 -8.83 -5.32
C LYS A 338 -16.35 -10.10 -5.06
N ASN A 339 -15.83 -11.24 -5.48
CA ASN A 339 -16.46 -12.54 -5.20
C ASN A 339 -16.05 -13.21 -3.86
N VAL A 340 -15.19 -12.55 -3.08
CA VAL A 340 -14.79 -13.09 -1.76
C VAL A 340 -15.95 -12.87 -0.77
N GLN A 341 -16.58 -13.97 -0.33
CA GLN A 341 -17.69 -13.86 0.62
C GLN A 341 -17.24 -13.82 2.07
N GLU A 342 -18.10 -13.30 2.96
CA GLU A 342 -17.81 -13.29 4.37
C GLU A 342 -17.57 -14.74 4.77
N GLY A 343 -16.45 -14.97 5.48
CA GLY A 343 -16.03 -16.29 5.92
C GLY A 343 -15.01 -16.99 5.02
N GLU A 344 -14.80 -16.41 3.84
CA GLU A 344 -13.79 -16.92 2.90
C GLU A 344 -12.57 -16.02 3.02
N LEU A 345 -11.40 -16.65 3.11
CA LEU A 345 -10.13 -15.93 3.21
C LEU A 345 -10.21 -14.94 4.36
N ALA A 346 -10.73 -15.39 5.49
CA ALA A 346 -10.92 -14.51 6.65
C ALA A 346 -9.57 -14.20 7.26
N ILE A 347 -9.47 -13.04 7.91
CA ILE A 347 -8.21 -12.64 8.52
C ILE A 347 -7.97 -13.29 9.90
N GLY A 348 -8.94 -14.09 10.35
CA GLY A 348 -8.82 -14.83 11.60
C GLY A 348 -10.10 -15.60 11.83
N PRO A 349 -10.13 -16.46 12.82
CA PRO A 349 -11.34 -17.27 13.04
C PRO A 349 -12.55 -16.39 13.31
N GLY A 350 -13.60 -16.58 12.51
CA GLY A 350 -14.83 -15.80 12.65
C GLY A 350 -14.75 -14.36 12.17
N ALA A 351 -13.62 -13.95 11.59
CA ALA A 351 -13.47 -12.52 11.20
C ALA A 351 -14.39 -12.13 10.04
N SER A 352 -14.97 -10.95 10.11
CA SER A 352 -15.86 -10.47 9.05
C SER A 352 -15.07 -9.83 7.89
N ILE A 353 -13.79 -9.54 8.15
CA ILE A 353 -12.84 -8.99 7.17
C ILE A 353 -12.08 -10.14 6.51
N SER A 354 -11.90 -10.03 5.21
CA SER A 354 -11.15 -11.01 4.44
C SER A 354 -9.97 -10.33 3.77
N TYR A 355 -9.12 -11.15 3.16
CA TYR A 355 -7.93 -10.63 2.49
C TYR A 355 -7.62 -11.56 1.31
N HIS A 356 -7.41 -10.96 0.13
CA HIS A 356 -7.16 -11.74 -1.08
C HIS A 356 -6.24 -10.95 -2.00
N ASN A 357 -5.14 -11.55 -2.43
CA ASN A 357 -4.27 -10.98 -3.45
C ASN A 357 -3.78 -9.56 -3.16
N GLN A 358 -3.40 -9.35 -1.92
CA GLN A 358 -2.81 -8.12 -1.40
C GLN A 358 -3.83 -7.04 -1.06
N TRP A 359 -5.12 -7.37 -1.17
CA TRP A 359 -6.23 -6.43 -0.83
C TRP A 359 -7.07 -6.87 0.38
N TRP A 360 -7.46 -5.91 1.20
CA TRP A 360 -8.42 -6.10 2.30
C TRP A 360 -9.83 -5.97 1.77
N ILE A 361 -10.70 -6.81 2.30
CA ILE A 361 -12.11 -6.84 1.92
C ILE A 361 -12.92 -6.77 3.18
N PRO A 362 -13.36 -5.54 3.56
CA PRO A 362 -14.03 -5.37 4.84
C PRO A 362 -15.43 -5.96 4.94
N HIS A 363 -16.03 -6.30 3.80
CA HIS A 363 -17.48 -6.66 3.72
C HIS A 363 -18.37 -5.60 4.31
N ASN A 364 -18.19 -4.38 3.83
CA ASN A 364 -19.03 -3.30 4.22
C ASN A 364 -20.24 -3.22 3.29
N GLU A 365 -21.14 -2.29 3.56
CA GLU A 365 -22.38 -2.25 2.82
C GLU A 365 -22.19 -1.82 1.37
N GLN A 366 -20.99 -1.31 1.04
CA GLN A 366 -20.70 -0.90 -0.35
C GLN A 366 -20.00 -1.95 -1.15
N GLY A 367 -19.57 -3.01 -0.50
CA GLY A 367 -18.77 -3.99 -1.22
C GLY A 367 -17.36 -3.41 -1.51
N ALA A 368 -16.89 -2.50 -0.64
CA ALA A 368 -15.60 -1.81 -0.89
C ALA A 368 -14.44 -2.74 -0.68
N PHE A 369 -13.33 -2.43 -1.30
CA PHE A 369 -12.10 -3.11 -1.04
C PHE A 369 -11.00 -2.04 -0.93
N GLU A 370 -9.95 -2.35 -0.21
CA GLU A 370 -8.98 -1.34 0.12
C GLU A 370 -7.62 -1.93 0.42
N VAL A 371 -6.61 -1.07 0.32
CA VAL A 371 -5.28 -1.35 0.87
C VAL A 371 -4.94 -0.25 1.86
N LEU A 372 -4.26 -0.67 2.93
CA LEU A 372 -4.02 0.20 4.09
C LEU A 372 -2.53 0.25 4.28
N GLY A 373 -2.04 1.34 4.86
CA GLY A 373 -0.64 1.43 5.27
C GLY A 373 -0.44 2.22 6.52
N SER A 374 0.64 1.91 7.23
CA SER A 374 0.94 2.59 8.47
C SER A 374 0.98 4.08 8.33
N TYR A 375 0.61 4.73 9.41
CA TYR A 375 0.70 6.21 9.57
C TYR A 375 -0.41 6.94 8.88
N GLY A 376 -1.45 6.18 8.50
CA GLY A 376 -2.68 6.71 7.97
C GLY A 376 -2.76 6.81 6.45
N GLN A 377 -2.36 5.71 5.78
CA GLN A 377 -2.52 5.61 4.36
C GLN A 377 -3.64 4.68 3.96
N THR A 378 -4.41 5.09 2.95
CA THR A 378 -5.47 4.26 2.44
C THR A 378 -5.68 4.50 0.95
N LEU A 379 -5.81 3.40 0.20
CA LEU A 379 -6.48 3.43 -1.10
C LEU A 379 -7.76 2.64 -0.97
N TYR A 380 -8.87 3.28 -1.20
CA TYR A 380 -10.21 2.71 -0.91
C TYR A 380 -11.06 2.79 -2.19
N ILE A 381 -11.62 1.66 -2.62
CA ILE A 381 -12.38 1.59 -3.84
C ILE A 381 -13.77 1.08 -3.50
N ASP A 382 -14.77 1.85 -3.89
CA ASP A 382 -16.19 1.55 -3.63
C ASP A 382 -16.88 1.32 -4.96
N PRO A 383 -17.06 0.05 -5.34
CA PRO A 383 -17.69 -0.23 -6.62
C PRO A 383 -19.20 0.05 -6.67
N LYS A 384 -19.86 0.18 -5.51
CA LYS A 384 -21.29 0.45 -5.51
C LYS A 384 -21.53 1.92 -5.89
N ALA A 385 -20.80 2.82 -5.24
CA ALA A 385 -20.89 4.25 -5.50
C ALA A 385 -19.95 4.76 -6.57
N LYS A 386 -19.15 3.85 -7.14
CA LYS A 386 -18.19 4.22 -8.15
CA LYS A 386 -18.18 4.23 -8.16
C LYS A 386 -17.26 5.34 -7.64
N MSE A 387 -16.68 5.13 -6.45
CA MSE A 387 -15.87 6.12 -5.77
C MSE A 387 -14.51 5.56 -5.43
O MSE A 387 -14.36 4.37 -5.08
CB MSE A 387 -16.58 6.61 -4.52
CG MSE A 387 -15.88 7.69 -3.83
SE MSE A 387 -16.68 8.17 -2.11
CE MSE A 387 -16.18 6.42 -1.33
N VAL A 388 -13.49 6.39 -5.63
CA VAL A 388 -12.13 6.11 -5.19
C VAL A 388 -11.75 7.17 -4.15
N ILE A 389 -11.14 6.74 -3.05
CA ILE A 389 -10.53 7.66 -2.08
C ILE A 389 -9.07 7.29 -1.91
N VAL A 390 -8.23 8.29 -2.02
CA VAL A 390 -6.80 8.24 -1.67
C VAL A 390 -6.59 9.07 -0.46
N HIS A 391 -5.94 8.48 0.55
CA HIS A 391 -5.75 9.16 1.83
C HIS A 391 -4.32 8.96 2.22
N PHE A 392 -3.54 10.03 2.28
CA PHE A 392 -2.15 10.00 2.69
C PHE A 392 -1.99 10.78 3.96
N SER A 393 -1.16 10.27 4.87
CA SER A 393 -0.98 10.91 6.17
C SER A 393 0.45 10.73 6.62
N SER A 394 0.78 11.47 7.67
CA SER A 394 2.01 11.22 8.38
C SER A 394 1.76 11.27 9.88
N ASN A 395 0.95 10.30 10.32
CA ASN A 395 0.44 10.21 11.69
C ASN A 395 1.18 9.12 12.41
N ALA A 396 2.24 9.51 13.13
CA ALA A 396 3.20 8.55 13.65
C ALA A 396 2.57 7.47 14.57
N THR A 397 1.62 7.89 15.38
CA THR A 397 0.93 7.01 16.31
C THR A 397 -0.59 7.27 16.28
N PRO A 398 -1.27 6.73 15.25
CA PRO A 398 -2.74 7.03 15.16
C PRO A 398 -3.50 6.54 16.37
N SER A 399 -4.56 7.28 16.70
CA SER A 399 -5.46 6.85 17.78
C SER A 399 -6.11 5.54 17.47
N ASN A 400 -6.64 4.88 18.50
CA ASN A 400 -7.24 3.59 18.29
C ASN A 400 -8.55 3.74 17.52
N GLU A 401 -9.14 4.93 17.54
CA GLU A 401 -10.47 5.12 16.96
C GLU A 401 -10.46 5.56 15.51
N ILE A 402 -9.36 6.13 15.02
CA ILE A 402 -9.44 6.94 13.78
C ILE A 402 -9.67 6.06 12.57
N HIS A 403 -9.15 4.85 12.56
CA HIS A 403 -9.37 3.97 11.39
C HIS A 403 -10.84 3.69 11.19
N SER A 404 -11.56 3.35 12.27
CA SER A 404 -13.00 3.14 12.14
C SER A 404 -13.79 4.44 11.79
N VAL A 405 -13.38 5.56 12.35
CA VAL A 405 -13.96 6.83 11.95
C VAL A 405 -13.83 7.07 10.44
N TYR A 406 -12.63 6.87 9.91
CA TYR A 406 -12.41 7.00 8.49
C TYR A 406 -13.20 5.99 7.68
N SER A 407 -13.22 4.72 8.11
CA SER A 407 -13.92 3.71 7.33
C SER A 407 -15.40 4.03 7.18
N ASN A 408 -16.00 4.51 8.27
CA ASN A 408 -17.39 4.90 8.26
C ASN A 408 -17.60 6.21 7.48
N MSE A 409 -16.67 7.15 7.60
CA MSE A 409 -16.73 8.43 6.87
C MSE A 409 -16.72 8.18 5.36
O MSE A 409 -17.43 8.87 4.59
CB MSE A 409 -15.51 9.26 7.25
CG MSE A 409 -15.32 10.58 6.58
SE MSE A 409 -13.61 11.19 7.27
CE MSE A 409 -12.48 10.45 5.91
N TYR A 410 -15.97 7.18 4.91
CA TYR A 410 -15.94 6.92 3.46
C TYR A 410 -17.32 6.46 2.94
N ILE A 411 -18.03 5.68 3.74
CA ILE A 411 -19.40 5.29 3.43
C ILE A 411 -20.34 6.51 3.40
N ASP A 412 -20.26 7.37 4.42
CA ASP A 412 -21.06 8.55 4.41
C ASP A 412 -20.78 9.50 3.27
N ILE A 413 -19.51 9.67 2.92
CA ILE A 413 -19.18 10.47 1.75
C ILE A 413 -19.81 9.88 0.47
N ALA A 414 -19.63 8.57 0.26
CA ALA A 414 -20.24 7.91 -0.89
C ALA A 414 -21.77 8.18 -0.96
N HIS A 415 -22.45 7.99 0.15
CA HIS A 415 -23.92 8.12 0.13
C HIS A 415 -24.32 9.58 -0.15
N HIS A 416 -23.54 10.53 0.36
CA HIS A 416 -23.74 11.94 0.05
C HIS A 416 -23.58 12.25 -1.43
N LEU A 417 -22.51 11.74 -2.04
CA LEU A 417 -22.24 11.96 -3.46
C LEU A 417 -23.29 11.27 -4.34
N GLU A 418 -23.86 10.16 -3.85
CA GLU A 418 -24.89 9.47 -4.56
C GLU A 418 -26.27 10.10 -4.36
N LYS A 419 -26.34 11.16 -3.54
CA LYS A 419 -27.56 11.89 -3.22
C LYS A 419 -28.60 11.03 -2.53
N LEU A 420 -28.14 10.14 -1.66
CA LEU A 420 -29.00 9.24 -0.87
C LEU A 420 -29.36 9.87 0.45
N PRO A 421 -30.52 9.48 1.00
CA PRO A 421 -30.94 10.08 2.30
C PRO A 421 -30.01 9.73 3.47
N GLN A 422 -29.30 8.62 3.37
CA GLN A 422 -28.31 8.20 4.38
C GLN A 422 -27.37 7.19 3.74
N NO3 B . -1.27 -2.08 7.09
O1 NO3 B . -0.15 -2.52 6.81
O2 NO3 B . -2.34 -2.95 6.87
O3 NO3 B . -1.52 -0.78 7.63
N NO3 C . -16.69 4.62 -13.09
O1 NO3 C . -16.33 5.70 -12.72
O2 NO3 C . -15.75 3.73 -13.60
O3 NO3 C . -18.06 4.27 -13.04
C1 EDO D . 19.22 10.65 -0.57
O1 EDO D . 19.64 11.85 -1.26
C2 EDO D . 20.44 9.82 -0.12
O2 EDO D . 20.50 9.75 1.33
#